data_5T6G
#
_entry.id   5T6G
#
_cell.length_a   59.576
_cell.length_b   59.576
_cell.length_c   357.702
_cell.angle_alpha   90.000
_cell.angle_beta   90.000
_cell.angle_gamma   120.000
#
_symmetry.space_group_name_H-M   'P 61 2 2'
#
loop_
_entity.id
_entity.type
_entity.pdbx_description
1 polymer 'Genome polyprotein'
2 non-polymer 3-cyclohexyl-N-{(2S)-1-hydroxy-3-[(3S)-2-oxopyrrolidin-3-yl]propan-2-yl}-N~2~-(octylsulfonyl)-L-alaninamide
3 water water
#
_entity_poly.entity_id   1
_entity_poly.type   'polypeptide(L)'
_entity_poly.pdbx_seq_one_letter_code
;MHHHHHHAPPTLWSRVTKFGSGWGFWVSPTVFITTTHVVPTGVKEFFGEPLSSIAIHQAGEFTQFRFSKKMRPDLTGMVL
EEGCPEGTVCSVLIKRDSGELLPLAVRMGAIASMRIQGRLVHGQSGMLLTGANAKGMDLGTIPGDCGAPYVHKRGNDWVV
CGVHAAATKSGNTVVCAVQAGEGETALE
;
_entity_poly.pdbx_strand_id   A,B
#
# COMPACT_ATOMS: atom_id res chain seq x y z
N HIS A 6 12.62 10.47 17.05
CA HIS A 6 11.29 9.97 16.57
C HIS A 6 10.19 9.88 17.64
N HIS A 7 8.96 9.68 17.20
CA HIS A 7 7.88 9.26 18.09
C HIS A 7 7.88 7.74 18.28
N ALA A 8 7.77 7.00 17.18
CA ALA A 8 7.75 5.56 17.20
C ALA A 8 8.95 4.99 16.44
N PRO A 9 9.54 3.89 16.90
CA PRO A 9 10.77 3.40 16.30
C PRO A 9 10.53 2.89 14.88
N PRO A 10 11.56 2.91 14.02
CA PRO A 10 11.36 2.44 12.65
C PRO A 10 10.92 1.00 12.59
N THR A 11 11.24 0.21 13.61
CA THR A 11 10.85 -1.19 13.55
C THR A 11 9.35 -1.34 13.75
N LEU A 12 8.74 -0.48 14.58
CA LEU A 12 7.29 -0.52 14.76
C LEU A 12 6.56 -0.11 13.48
N TRP A 13 7.02 0.96 12.82
CA TRP A 13 6.46 1.37 11.53
C TRP A 13 6.60 0.31 10.46
N SER A 14 7.67 -0.48 10.49
CA SER A 14 7.83 -1.48 9.44
C SER A 14 6.82 -2.62 9.55
N ARG A 15 6.12 -2.72 10.67
CA ARG A 15 5.05 -3.70 10.78
C ARG A 15 3.81 -3.27 10.00
N VAL A 16 3.72 -2.00 9.63
CA VAL A 16 2.52 -1.48 8.97
C VAL A 16 2.69 -1.70 7.48
N THR A 17 1.81 -2.55 6.93
CA THR A 17 1.97 -3.18 5.63
C THR A 17 0.71 -2.92 4.82
N LYS A 18 0.87 -2.67 3.53
CA LYS A 18 -0.25 -2.38 2.64
C LYS A 18 -1.05 -3.66 2.39
N PHE A 19 -2.37 -3.56 2.44
CA PHE A 19 -3.20 -4.75 2.38
C PHE A 19 -4.59 -4.34 1.89
N GLY A 20 -5.04 -4.96 0.81
CA GLY A 20 -6.33 -4.64 0.23
C GLY A 20 -6.48 -3.15 -0.03
N SER A 21 -7.64 -2.62 0.34
CA SER A 21 -7.93 -1.20 0.23
C SER A 21 -7.46 -0.41 1.45
N GLY A 22 -6.38 -0.83 2.09
CA GLY A 22 -6.00 -0.31 3.37
C GLY A 22 -4.64 -0.81 3.82
N TRP A 23 -4.54 -1.28 5.07
CA TRP A 23 -3.27 -1.63 5.71
C TRP A 23 -3.51 -2.73 6.74
N GLY A 24 -2.43 -3.38 7.15
CA GLY A 24 -2.50 -4.22 8.33
C GLY A 24 -1.22 -4.13 9.14
N PHE A 25 -1.08 -4.99 10.15
CA PHE A 25 -0.06 -4.85 11.15
C PHE A 25 0.50 -6.20 11.51
N TRP A 26 1.82 -6.33 11.51
CA TRP A 26 2.48 -7.58 11.90
C TRP A 26 2.67 -7.56 13.40
N VAL A 27 1.91 -8.39 14.09
CA VAL A 27 2.06 -8.52 15.54
C VAL A 27 3.31 -9.34 15.89
N SER A 28 3.65 -10.31 15.04
CA SER A 28 4.73 -11.26 15.25
C SER A 28 5.14 -11.73 13.85
N PRO A 29 6.11 -12.65 13.73
CA PRO A 29 6.45 -13.13 12.38
C PRO A 29 5.31 -13.85 11.69
N THR A 30 4.30 -14.30 12.44
CA THR A 30 3.22 -15.09 11.85
C THR A 30 1.83 -14.49 12.05
N VAL A 31 1.66 -13.49 12.92
CA VAL A 31 0.34 -12.92 13.16
C VAL A 31 0.24 -11.56 12.48
N PHE A 32 -0.75 -11.45 11.61
CA PHE A 32 -1.11 -10.24 10.89
C PHE A 32 -2.54 -9.90 11.27
N ILE A 33 -2.80 -8.64 11.61
CA ILE A 33 -4.14 -8.18 11.93
C ILE A 33 -4.50 -7.03 11.00
N THR A 34 -5.80 -6.83 10.80
CA THR A 34 -6.27 -5.80 9.89
C THR A 34 -7.78 -5.64 10.09
N THR A 35 -8.37 -4.75 9.32
CA THR A 35 -9.79 -4.43 9.39
C THR A 35 -10.54 -5.14 8.27
N THR A 36 -11.68 -5.72 8.63
CA THR A 36 -12.31 -6.72 7.76
C THR A 36 -12.69 -6.15 6.40
N HIS A 37 -13.26 -4.93 6.35
CA HIS A 37 -13.80 -4.43 5.07
C HIS A 37 -12.69 -4.08 4.09
N VAL A 38 -11.45 -4.05 4.56
CA VAL A 38 -10.27 -3.82 3.74
C VAL A 38 -9.78 -5.12 3.08
N VAL A 39 -10.16 -6.27 3.61
CA VAL A 39 -9.56 -7.55 3.23
C VAL A 39 -10.03 -7.95 1.83
N PRO A 40 -9.14 -8.42 0.94
CA PRO A 40 -9.59 -9.03 -0.31
C PRO A 40 -10.56 -10.19 -0.09
N THR A 41 -11.47 -10.35 -1.04
CA THR A 41 -12.42 -11.45 -1.03
C THR A 41 -12.23 -12.31 -2.28
N GLY A 42 -12.67 -13.55 -2.18
CA GLY A 42 -12.60 -14.47 -3.32
C GLY A 42 -11.19 -14.67 -3.84
N VAL A 43 -10.23 -14.83 -2.93
CA VAL A 43 -8.83 -15.07 -3.30
C VAL A 43 -8.41 -16.42 -2.75
N LYS A 44 -7.47 -17.04 -3.43
CA LYS A 44 -6.92 -18.33 -3.04
C LYS A 44 -5.69 -18.19 -2.16
N GLU A 45 -5.27 -16.97 -1.84
CA GLU A 45 -4.01 -16.81 -1.15
C GLU A 45 -3.84 -15.39 -0.64
N PHE A 46 -2.98 -15.23 0.36
CA PHE A 46 -2.62 -13.96 0.97
C PHE A 46 -1.12 -13.93 1.19
N PHE A 47 -0.45 -12.88 0.71
CA PHE A 47 1.02 -12.79 0.81
C PHE A 47 1.69 -14.02 0.21
N GLY A 48 1.12 -14.53 -0.88
CA GLY A 48 1.65 -15.71 -1.55
C GLY A 48 1.25 -17.05 -0.96
N GLU A 49 0.83 -17.11 0.30
CA GLU A 49 0.51 -18.35 0.98
C GLU A 49 -0.92 -18.80 0.67
N PRO A 50 -1.15 -20.09 0.41
CA PRO A 50 -2.53 -20.56 0.19
C PRO A 50 -3.31 -20.58 1.49
N LEU A 51 -4.63 -20.57 1.34
CA LEU A 51 -5.49 -20.44 2.52
C LEU A 51 -5.26 -21.57 3.50
N SER A 52 -4.95 -22.77 2.99
CA SER A 52 -4.68 -23.90 3.87
C SER A 52 -3.45 -23.71 4.76
N SER A 53 -2.65 -22.68 4.54
CA SER A 53 -1.52 -22.40 5.40
C SER A 53 -1.75 -21.18 6.29
N ILE A 54 -2.99 -20.71 6.40
CA ILE A 54 -3.33 -19.51 7.14
C ILE A 54 -4.55 -19.78 8.00
N ALA A 55 -4.40 -19.65 9.30
CA ALA A 55 -5.55 -19.63 10.21
C ALA A 55 -6.21 -18.26 10.11
N ILE A 56 -7.41 -18.23 9.57
CA ILE A 56 -8.12 -16.99 9.28
C ILE A 56 -9.28 -16.87 10.25
N HIS A 57 -9.39 -15.72 10.91
CA HIS A 57 -10.47 -15.47 11.87
C HIS A 57 -10.96 -14.02 11.75
N GLN A 58 -12.25 -13.85 11.44
CA GLN A 58 -12.88 -12.54 11.33
C GLN A 58 -14.02 -12.44 12.33
N ALA A 59 -14.07 -11.34 13.08
CA ALA A 59 -15.17 -11.09 14.00
C ALA A 59 -15.41 -9.59 14.02
N GLY A 60 -16.48 -9.16 13.38
CA GLY A 60 -16.92 -7.77 13.39
C GLY A 60 -15.83 -6.74 13.17
N GLU A 61 -15.29 -6.71 11.97
CA GLU A 61 -14.31 -5.74 11.51
C GLU A 61 -12.91 -6.01 12.04
N PHE A 62 -12.70 -6.94 12.98
CA PHE A 62 -11.35 -7.36 13.37
C PHE A 62 -10.98 -8.68 12.71
N THR A 63 -9.89 -8.68 11.96
CA THR A 63 -9.45 -9.86 11.22
C THR A 63 -8.03 -10.20 11.63
N GLN A 64 -7.83 -11.46 12.02
CA GLN A 64 -6.53 -12.01 12.36
C GLN A 64 -6.16 -13.08 11.35
N PHE A 65 -4.91 -13.07 10.93
CA PHE A 65 -4.30 -14.15 10.17
C PHE A 65 -3.14 -14.68 10.99
N ARG A 66 -3.03 -16.00 11.12
CA ARG A 66 -1.80 -16.64 11.62
C ARG A 66 -1.25 -17.53 10.52
N PHE A 67 -0.06 -17.19 10.04
CA PHE A 67 0.56 -17.95 8.97
C PHE A 67 1.34 -19.12 9.56
N SER A 68 1.36 -20.21 8.80
CA SER A 68 2.23 -21.34 9.14
C SER A 68 3.69 -21.00 8.88
N LYS A 69 3.97 -20.38 7.75
CA LYS A 69 5.34 -19.93 7.45
C LYS A 69 5.67 -18.71 8.29
N LYS A 70 6.89 -18.69 8.84
CA LYS A 70 7.40 -17.48 9.48
C LYS A 70 7.53 -16.37 8.44
N MET A 71 6.59 -15.42 8.43
CA MET A 71 6.48 -14.45 7.35
C MET A 71 7.39 -13.23 7.54
N ARG A 72 7.51 -12.74 8.77
CA ARG A 72 8.34 -11.59 9.08
C ARG A 72 9.21 -11.96 10.27
N PRO A 73 10.24 -12.78 10.05
CA PRO A 73 11.08 -13.24 11.17
C PRO A 73 12.02 -12.17 11.67
N ASP A 74 12.18 -11.08 10.95
CA ASP A 74 12.87 -9.92 11.50
C ASP A 74 12.23 -9.43 12.79
N LEU A 75 10.96 -9.74 13.02
CA LEU A 75 10.18 -9.14 14.10
C LEU A 75 10.13 -10.06 15.32
N THR A 76 10.08 -9.43 16.49
CA THR A 76 9.68 -10.14 17.69
C THR A 76 8.18 -9.98 17.90
N GLY A 77 7.59 -10.93 18.61
CA GLY A 77 6.19 -10.80 18.96
C GLY A 77 5.98 -9.68 19.95
N MET A 78 4.89 -8.95 19.77
CA MET A 78 4.45 -7.97 20.76
C MET A 78 3.04 -8.32 21.20
N VAL A 79 2.63 -7.70 22.31
CA VAL A 79 1.33 -7.99 22.88
C VAL A 79 0.22 -7.35 22.05
N LEU A 80 -0.83 -8.14 21.76
CA LEU A 80 -2.10 -7.64 21.27
C LEU A 80 -3.09 -7.67 22.43
N GLU A 81 -3.48 -6.49 22.89
CA GLU A 81 -4.47 -6.36 23.95
C GLU A 81 -5.86 -6.58 23.38
N GLU A 82 -6.83 -6.79 24.27
CA GLU A 82 -8.21 -7.09 23.88
C GLU A 82 -9.04 -5.84 23.70
N GLY A 83 -8.43 -4.74 23.29
CA GLY A 83 -9.05 -3.44 23.32
C GLY A 83 -8.05 -2.45 23.91
N CYS A 84 -8.28 -1.15 23.72
CA CYS A 84 -7.37 -0.14 24.25
C CYS A 84 -7.81 0.28 25.65
N PRO A 85 -6.90 0.78 26.48
CA PRO A 85 -7.29 1.24 27.83
C PRO A 85 -8.02 2.57 27.77
N GLU A 86 -9.28 2.59 28.20
CA GLU A 86 -10.11 3.78 27.98
C GLU A 86 -9.64 4.93 28.85
N GLY A 87 -9.62 6.12 28.26
CA GLY A 87 -9.07 7.28 28.91
C GLY A 87 -7.60 7.55 28.62
N THR A 88 -6.86 6.53 28.21
CA THR A 88 -5.43 6.72 27.95
C THR A 88 -5.20 7.18 26.51
N VAL A 89 -4.06 7.79 26.30
CA VAL A 89 -3.67 8.29 24.99
C VAL A 89 -2.96 7.17 24.23
N CYS A 90 -3.46 6.87 23.04
CA CYS A 90 -2.81 5.95 22.13
C CYS A 90 -2.34 6.70 20.89
N SER A 91 -1.65 5.98 20.01
CA SER A 91 -1.19 6.52 18.74
C SER A 91 -1.68 5.63 17.61
N VAL A 92 -2.30 6.25 16.60
CA VAL A 92 -2.67 5.57 15.36
C VAL A 92 -1.51 5.75 14.41
N LEU A 93 -0.92 4.65 13.96
CA LEU A 93 0.26 4.70 13.08
C LEU A 93 -0.18 4.74 11.61
N ILE A 94 -0.62 5.93 11.17
CA ILE A 94 -1.07 6.12 9.81
C ILE A 94 0.13 6.20 8.86
N LYS A 95 0.21 5.28 7.94
CA LYS A 95 0.96 5.47 6.69
C LYS A 95 0.02 5.93 5.57
N ARG A 96 0.58 6.71 4.64
CA ARG A 96 -0.12 7.18 3.46
C ARG A 96 0.54 6.64 2.19
N ASP A 97 -0.30 6.36 1.19
CA ASP A 97 0.04 6.16 -0.22
C ASP A 97 1.29 6.90 -0.66
N SER A 98 1.34 8.18 -0.29
CA SER A 98 2.37 9.08 -0.78
C SER A 98 3.69 8.97 -0.03
N GLY A 99 3.76 8.21 1.07
CA GLY A 99 5.02 7.97 1.75
C GLY A 99 5.11 8.62 3.12
N GLU A 100 4.17 9.47 3.50
CA GLU A 100 4.16 10.13 4.80
C GLU A 100 3.86 9.15 5.93
N LEU A 101 4.52 9.35 7.07
CA LEU A 101 4.15 8.73 8.34
C LEU A 101 3.42 9.76 9.19
N LEU A 102 2.18 9.47 9.57
CA LEU A 102 1.33 10.42 10.28
C LEU A 102 0.85 9.78 11.58
N PRO A 103 1.66 9.78 12.62
CA PRO A 103 1.16 9.23 13.88
C PRO A 103 0.22 10.24 14.53
N LEU A 104 -1.05 9.85 14.64
CA LEU A 104 -2.14 10.68 15.16
C LEU A 104 -2.43 10.28 16.60
N ALA A 105 -2.25 11.21 17.53
CA ALA A 105 -2.57 10.96 18.93
C ALA A 105 -4.07 10.95 19.18
N VAL A 106 -4.51 10.01 20.01
CA VAL A 106 -5.92 9.74 20.30
C VAL A 106 -6.05 9.46 21.78
N ARG A 107 -7.09 10.02 22.40
CA ARG A 107 -7.48 9.60 23.75
C ARG A 107 -8.70 8.69 23.61
N MET A 108 -8.60 7.49 24.17
CA MET A 108 -9.51 6.41 23.82
C MET A 108 -10.75 6.43 24.72
N GLY A 109 -11.89 6.18 24.09
CA GLY A 109 -13.17 6.14 24.76
C GLY A 109 -13.51 4.74 25.17
N ALA A 110 -14.79 4.45 25.16
CA ALA A 110 -15.28 3.17 25.64
C ALA A 110 -15.38 2.17 24.50
N ILE A 111 -15.19 0.91 24.86
CA ILE A 111 -15.50 -0.23 24.00
C ILE A 111 -17.01 -0.44 23.99
N ALA A 112 -17.58 -0.50 22.80
CA ALA A 112 -19.02 -0.66 22.66
C ALA A 112 -19.31 -1.38 21.37
N SER A 113 -20.52 -1.89 21.25
CA SER A 113 -20.98 -2.50 20.00
C SER A 113 -21.76 -1.47 19.22
N MET A 114 -21.53 -1.46 17.90
CA MET A 114 -22.05 -0.43 17.03
C MET A 114 -22.46 -1.09 15.72
N ARG A 115 -23.66 -0.78 15.24
CA ARG A 115 -23.97 -0.99 13.84
C ARG A 115 -23.56 0.27 13.09
N ILE A 116 -22.83 0.08 12.00
CA ILE A 116 -22.22 1.18 11.26
C ILE A 116 -22.39 0.86 9.79
N GLN A 117 -23.19 1.65 9.09
CA GLN A 117 -23.42 1.45 7.66
C GLN A 117 -23.77 -0.01 7.38
N GLY A 118 -24.52 -0.61 8.31
CA GLY A 118 -25.06 -1.94 8.16
C GLY A 118 -24.27 -3.03 8.85
N ARG A 119 -22.96 -2.85 9.03
CA ARG A 119 -22.13 -3.89 9.60
C ARG A 119 -22.08 -3.76 11.13
N LEU A 120 -22.03 -4.90 11.80
CA LEU A 120 -21.89 -4.95 13.25
C LEU A 120 -20.41 -4.80 13.61
N VAL A 121 -20.08 -3.77 14.39
CA VAL A 121 -18.71 -3.40 14.71
C VAL A 121 -18.50 -3.57 16.21
N HIS A 122 -17.54 -4.41 16.58
CA HIS A 122 -17.03 -4.49 17.94
C HIS A 122 -15.89 -3.48 17.99
N GLY A 123 -16.23 -2.24 18.33
CA GLY A 123 -15.32 -1.12 18.15
C GLY A 123 -15.04 -0.37 19.45
N GLN A 124 -14.20 0.65 19.31
CA GLN A 124 -13.83 1.49 20.45
C GLN A 124 -13.58 2.89 19.93
N SER A 125 -14.36 3.86 20.40
CA SER A 125 -14.19 5.22 19.92
C SER A 125 -13.02 5.89 20.65
N GLY A 126 -12.63 7.04 20.10
CA GLY A 126 -11.61 7.87 20.70
C GLY A 126 -11.63 9.21 20.01
N MET A 127 -10.95 10.16 20.64
CA MET A 127 -10.94 11.53 20.14
C MET A 127 -9.50 11.87 19.78
N LEU A 128 -9.30 12.27 18.53
CA LEU A 128 -8.00 12.75 18.10
C LEU A 128 -7.58 13.96 18.95
N LEU A 129 -6.26 14.11 19.14
CA LEU A 129 -5.65 15.20 19.88
C LEU A 129 -4.76 16.05 18.99
N THR A 130 -5.16 16.21 17.73
CA THR A 130 -4.33 16.84 16.71
C THR A 130 -4.76 18.26 16.36
N GLY A 131 -5.96 18.68 16.77
CA GLY A 131 -6.42 20.03 16.49
C GLY A 131 -7.78 20.24 17.10
N ALA A 132 -8.35 21.41 16.80
CA ALA A 132 -9.72 21.70 17.23
C ALA A 132 -10.70 20.85 16.43
N ASN A 133 -10.54 20.84 15.12
CA ASN A 133 -11.10 19.80 14.27
C ASN A 133 -9.96 19.01 13.64
N ALA A 134 -10.28 17.79 13.22
CA ALA A 134 -9.35 16.96 12.49
C ALA A 134 -9.91 16.62 11.12
N LYS A 135 -10.77 17.50 10.62
CA LYS A 135 -11.29 17.37 9.28
C LYS A 135 -10.14 17.45 8.28
N GLY A 136 -10.13 16.54 7.32
CA GLY A 136 -9.17 16.62 6.24
C GLY A 136 -7.95 15.73 6.44
N MET A 137 -7.00 15.95 5.52
CA MET A 137 -5.88 15.04 5.29
C MET A 137 -4.76 15.22 6.29
N ASP A 138 -4.57 16.44 6.79
CA ASP A 138 -3.37 16.77 7.55
C ASP A 138 -3.48 16.41 9.03
N LEU A 139 -4.70 16.41 9.58
CA LEU A 139 -4.87 16.25 11.02
C LEU A 139 -5.73 15.06 11.38
N GLY A 140 -6.23 14.31 10.39
CA GLY A 140 -7.17 13.26 10.66
C GLY A 140 -6.99 12.10 9.72
N THR A 141 -7.87 11.12 9.91
CA THR A 141 -7.91 9.89 9.13
C THR A 141 -8.81 10.06 7.94
N ILE A 142 -8.51 9.34 6.86
CA ILE A 142 -9.21 9.52 5.60
C ILE A 142 -9.43 8.16 4.96
N PRO A 143 -10.30 8.07 3.94
CA PRO A 143 -10.43 6.81 3.20
C PRO A 143 -9.07 6.29 2.76
N GLY A 144 -8.86 4.98 2.91
CA GLY A 144 -7.60 4.34 2.67
C GLY A 144 -6.77 4.07 3.91
N ASP A 145 -7.11 4.70 5.04
CA ASP A 145 -6.34 4.57 6.26
C ASP A 145 -6.74 3.35 7.11
N CYS A 146 -7.77 2.61 6.73
CA CYS A 146 -8.25 1.57 7.62
C CYS A 146 -7.28 0.40 7.71
N GLY A 147 -7.16 -0.15 8.90
CA GLY A 147 -6.18 -1.15 9.20
C GLY A 147 -5.00 -0.65 9.97
N ALA A 148 -4.79 0.67 10.03
CA ALA A 148 -3.64 1.19 10.76
C ALA A 148 -3.77 0.82 12.24
N PRO A 149 -2.67 0.44 12.88
CA PRO A 149 -2.74 -0.02 14.26
C PRO A 149 -2.88 1.13 15.23
N TYR A 150 -3.58 0.85 16.32
CA TYR A 150 -3.60 1.72 17.49
C TYR A 150 -2.61 1.13 18.49
N VAL A 151 -1.63 1.94 18.91
CA VAL A 151 -0.57 1.44 19.78
C VAL A 151 -0.42 2.34 21.00
N HIS A 152 0.22 1.80 22.04
CA HIS A 152 0.66 2.59 23.18
C HIS A 152 1.74 1.77 23.90
N LYS A 153 2.37 2.38 24.90
CA LYS A 153 3.49 1.74 25.60
C LYS A 153 3.01 1.24 26.97
N ARG A 154 3.14 -0.08 27.19
CA ARG A 154 2.97 -0.67 28.52
C ARG A 154 4.38 -0.72 29.11
N GLY A 155 4.73 0.34 29.85
CA GLY A 155 6.08 0.46 30.38
C GLY A 155 7.12 0.70 29.31
N ASN A 156 8.11 -0.18 29.19
CA ASN A 156 9.18 0.00 28.22
C ASN A 156 8.89 -0.63 26.86
N ASP A 157 7.74 -1.30 26.71
CA ASP A 157 7.39 -1.97 25.46
C ASP A 157 6.13 -1.38 24.85
N TRP A 158 6.11 -1.35 23.52
CA TRP A 158 4.91 -1.00 22.76
C TRP A 158 3.95 -2.18 22.70
N VAL A 159 2.65 -1.88 22.79
CA VAL A 159 1.61 -2.87 22.58
C VAL A 159 0.65 -2.27 21.55
N VAL A 160 -0.17 -3.15 20.97
CA VAL A 160 -1.17 -2.77 19.98
C VAL A 160 -2.53 -3.24 20.48
N CYS A 161 -3.55 -2.44 20.22
CA CYS A 161 -4.84 -2.68 20.84
C CYS A 161 -6.02 -2.53 19.88
N GLY A 162 -5.81 -2.19 18.62
CA GLY A 162 -6.89 -2.00 17.67
C GLY A 162 -6.35 -1.71 16.28
N VAL A 163 -7.29 -1.69 15.32
CA VAL A 163 -7.03 -1.37 13.92
C VAL A 163 -8.07 -0.36 13.47
N HIS A 164 -7.67 0.58 12.61
CA HIS A 164 -8.54 1.72 12.33
C HIS A 164 -9.69 1.29 11.44
N ALA A 165 -10.89 1.78 11.76
CA ALA A 165 -12.09 1.35 11.06
C ALA A 165 -12.97 2.50 10.57
N ALA A 166 -13.04 3.59 11.33
CA ALA A 166 -13.99 4.64 10.96
C ALA A 166 -13.60 5.97 11.59
N ALA A 167 -14.22 7.03 11.07
CA ALA A 167 -14.10 8.37 11.61
C ALA A 167 -15.36 9.13 11.25
N THR A 168 -15.67 10.16 12.04
CA THR A 168 -16.79 11.04 11.71
C THR A 168 -16.36 12.01 10.60
N LYS A 169 -17.35 12.69 10.00
CA LYS A 169 -17.02 13.69 8.99
C LYS A 169 -16.43 14.93 9.66
N SER A 170 -16.99 15.31 10.80
CA SER A 170 -16.32 16.23 11.72
C SER A 170 -14.83 15.91 11.75
N GLY A 171 -14.51 14.65 12.02
CA GLY A 171 -13.15 14.17 12.05
C GLY A 171 -12.61 13.90 13.44
N ASN A 172 -13.21 14.49 14.49
CA ASN A 172 -12.61 14.38 15.82
C ASN A 172 -12.75 12.98 16.40
N THR A 173 -13.81 12.25 16.06
CA THR A 173 -14.03 10.93 16.62
C THR A 173 -13.62 9.86 15.63
N VAL A 174 -12.83 8.90 16.11
CA VAL A 174 -12.34 7.78 15.30
C VAL A 174 -12.80 6.51 16.02
N VAL A 175 -12.82 5.41 15.27
CA VAL A 175 -13.19 4.10 15.81
C VAL A 175 -12.17 3.08 15.32
N CYS A 176 -11.65 2.28 16.24
CA CYS A 176 -10.88 1.12 15.88
C CYS A 176 -11.67 -0.15 16.18
N ALA A 177 -11.42 -1.18 15.39
CA ALA A 177 -11.94 -2.50 15.69
C ALA A 177 -11.03 -3.17 16.71
N VAL A 178 -11.65 -3.87 17.65
CA VAL A 178 -10.93 -4.55 18.72
C VAL A 178 -11.30 -6.03 18.72
N GLN A 179 -10.47 -6.82 19.39
CA GLN A 179 -10.71 -8.24 19.55
C GLN A 179 -11.99 -8.56 20.33
N THR B 11 6.68 17.42 -10.31
CA THR B 11 7.60 16.50 -9.63
C THR B 11 7.21 15.05 -9.90
N LEU B 12 8.13 14.33 -10.55
CA LEU B 12 7.90 12.93 -10.88
C LEU B 12 7.55 12.10 -9.66
N TRP B 13 8.22 12.34 -8.53
CA TRP B 13 8.15 11.44 -7.38
C TRP B 13 6.84 11.56 -6.62
N SER B 14 6.09 12.63 -6.80
CA SER B 14 4.78 12.74 -6.18
C SER B 14 3.75 11.89 -6.87
N ARG B 15 4.06 11.41 -8.08
CA ARG B 15 3.18 10.51 -8.81
C ARG B 15 3.37 9.06 -8.41
N VAL B 16 4.47 8.74 -7.72
CA VAL B 16 4.75 7.37 -7.32
C VAL B 16 3.97 7.07 -6.03
N THR B 17 3.16 6.02 -6.07
CA THR B 17 2.19 5.74 -5.03
C THR B 17 2.29 4.28 -4.57
N LYS B 18 2.31 4.07 -3.26
CA LYS B 18 2.32 2.72 -2.75
C LYS B 18 0.99 2.04 -3.06
N PHE B 19 1.05 0.81 -3.55
CA PHE B 19 -0.13 0.18 -4.15
C PHE B 19 0.03 -1.33 -4.10
N GLY B 20 -0.83 -1.97 -3.32
CA GLY B 20 -0.82 -3.41 -3.28
C GLY B 20 0.48 -3.89 -2.69
N SER B 21 1.06 -4.92 -3.33
CA SER B 21 2.36 -5.46 -2.99
C SER B 21 3.50 -4.72 -3.69
N GLY B 22 3.24 -3.53 -4.23
CA GLY B 22 4.17 -2.76 -5.02
C GLY B 22 3.77 -1.31 -5.12
N TRP B 23 3.73 -0.78 -6.34
CA TRP B 23 3.67 0.68 -6.54
C TRP B 23 2.92 0.98 -7.82
N GLY B 24 2.51 2.24 -7.96
CA GLY B 24 1.96 2.71 -9.21
C GLY B 24 2.33 4.15 -9.49
N PHE B 25 1.76 4.73 -10.56
CA PHE B 25 2.22 5.98 -11.12
C PHE B 25 1.03 6.76 -11.67
N TRP B 26 0.87 8.01 -11.22
CA TRP B 26 -0.15 8.90 -11.77
C TRP B 26 0.39 9.55 -13.04
N VAL B 27 -0.18 9.15 -14.17
CA VAL B 27 0.09 9.77 -15.47
C VAL B 27 -0.63 11.11 -15.56
N SER B 28 -1.81 11.19 -14.97
CA SER B 28 -2.67 12.36 -15.07
C SER B 28 -3.59 12.33 -13.86
N PRO B 29 -4.39 13.39 -13.64
CA PRO B 29 -5.31 13.37 -12.50
C PRO B 29 -6.31 12.25 -12.51
N THR B 30 -6.53 11.57 -13.65
CA THR B 30 -7.53 10.50 -13.74
C THR B 30 -6.97 9.14 -14.16
N VAL B 31 -5.72 9.07 -14.60
CA VAL B 31 -5.13 7.83 -15.11
C VAL B 31 -3.99 7.41 -14.20
N PHE B 32 -4.09 6.21 -13.65
CA PHE B 32 -3.10 5.59 -12.79
C PHE B 32 -2.71 4.23 -13.39
N ILE B 33 -1.42 3.93 -13.46
CA ILE B 33 -0.92 2.69 -14.04
C ILE B 33 -0.03 1.97 -13.05
N THR B 34 0.07 0.65 -13.22
CA THR B 34 0.76 -0.22 -12.28
C THR B 34 0.91 -1.58 -12.94
N THR B 35 1.55 -2.50 -12.21
CA THR B 35 1.84 -3.83 -12.71
C THR B 35 0.80 -4.79 -12.16
N THR B 36 0.21 -5.58 -13.05
CA THR B 36 -0.94 -6.42 -12.72
C THR B 36 -0.73 -7.22 -11.44
N HIS B 37 0.33 -8.01 -11.38
CA HIS B 37 0.45 -8.96 -10.28
C HIS B 37 0.57 -8.30 -8.91
N VAL B 38 0.76 -6.99 -8.81
CA VAL B 38 0.72 -6.36 -7.49
C VAL B 38 -0.65 -5.75 -7.21
N VAL B 39 -1.58 -5.81 -8.16
CA VAL B 39 -2.91 -5.22 -7.95
C VAL B 39 -3.69 -6.09 -6.97
N PRO B 40 -4.34 -5.52 -5.95
CA PRO B 40 -5.19 -6.33 -5.06
C PRO B 40 -6.48 -6.75 -5.73
N THR B 41 -6.93 -7.95 -5.40
CA THR B 41 -8.13 -8.52 -5.98
C THR B 41 -9.22 -8.64 -4.93
N GLY B 42 -10.46 -8.43 -5.33
CA GLY B 42 -11.54 -8.63 -4.40
C GLY B 42 -11.81 -7.46 -3.47
N VAL B 43 -11.31 -6.27 -3.79
CA VAL B 43 -11.51 -5.10 -2.96
C VAL B 43 -12.61 -4.25 -3.59
N LYS B 44 -13.37 -3.57 -2.74
CA LYS B 44 -14.52 -2.81 -3.21
C LYS B 44 -14.18 -1.38 -3.61
N GLU B 45 -12.98 -0.89 -3.32
CA GLU B 45 -12.67 0.48 -3.65
C GLU B 45 -11.18 0.66 -3.85
N PHE B 46 -10.83 1.74 -4.57
CA PHE B 46 -9.45 2.15 -4.75
C PHE B 46 -9.38 3.65 -4.50
N PHE B 47 -8.43 4.08 -3.67
CA PHE B 47 -8.23 5.49 -3.35
C PHE B 47 -9.51 6.13 -2.81
N GLY B 48 -10.26 5.37 -2.03
CA GLY B 48 -11.53 5.86 -1.52
C GLY B 48 -12.61 5.99 -2.56
N GLU B 49 -12.40 5.50 -3.77
CA GLU B 49 -13.40 5.61 -4.80
C GLU B 49 -14.06 4.28 -5.03
N PRO B 50 -15.40 4.18 -5.12
CA PRO B 50 -16.03 2.90 -5.45
C PRO B 50 -15.68 2.47 -6.85
N LEU B 51 -15.78 1.16 -7.08
CA LEU B 51 -15.54 0.57 -8.40
C LEU B 51 -16.42 1.15 -9.48
N SER B 52 -17.58 1.73 -9.14
CA SER B 52 -18.47 2.28 -10.17
C SER B 52 -17.85 3.51 -10.83
N SER B 53 -17.04 4.29 -10.10
CA SER B 53 -16.36 5.41 -10.70
C SER B 53 -14.94 5.06 -11.18
N ILE B 54 -14.72 3.81 -11.65
CA ILE B 54 -13.40 3.34 -12.06
C ILE B 54 -13.55 2.37 -13.23
N ALA B 55 -12.68 2.55 -14.24
CA ALA B 55 -12.53 1.60 -15.34
C ALA B 55 -11.15 0.95 -15.25
N ILE B 56 -11.12 -0.37 -15.12
CA ILE B 56 -9.89 -1.14 -14.95
C ILE B 56 -9.62 -1.90 -16.24
N HIS B 57 -8.45 -1.65 -16.84
CA HIS B 57 -8.01 -2.38 -18.03
C HIS B 57 -6.66 -3.03 -17.80
N GLN B 58 -6.61 -4.36 -17.97
CA GLN B 58 -5.42 -5.15 -17.75
C GLN B 58 -5.03 -5.88 -19.04
N ALA B 59 -3.78 -5.73 -19.44
CA ALA B 59 -3.25 -6.35 -20.66
C ALA B 59 -1.88 -6.90 -20.32
N GLY B 60 -1.79 -8.23 -20.24
CA GLY B 60 -0.63 -8.83 -19.62
C GLY B 60 -0.40 -8.21 -18.26
N GLU B 61 0.85 -7.81 -18.01
CA GLU B 61 1.23 -7.24 -16.73
C GLU B 61 1.11 -5.73 -16.68
N PHE B 62 0.45 -5.11 -17.64
CA PHE B 62 0.15 -3.69 -17.59
C PHE B 62 -1.29 -3.49 -17.16
N THR B 63 -1.50 -2.82 -16.03
CA THR B 63 -2.83 -2.47 -15.55
C THR B 63 -2.99 -0.96 -15.53
N GLN B 64 -4.09 -0.48 -16.11
CA GLN B 64 -4.44 0.93 -16.14
C GLN B 64 -5.75 1.16 -15.41
N PHE B 65 -5.83 2.23 -14.61
CA PHE B 65 -7.05 2.65 -13.94
C PHE B 65 -7.45 4.03 -14.45
N ARG B 66 -8.68 4.18 -14.94
CA ARG B 66 -9.21 5.50 -15.28
C ARG B 66 -10.36 5.84 -14.34
N PHE B 67 -10.22 6.95 -13.65
CA PHE B 67 -11.19 7.38 -12.64
C PHE B 67 -12.17 8.37 -13.24
N SER B 68 -13.42 8.27 -12.79
CA SER B 68 -14.45 9.23 -13.19
C SER B 68 -14.16 10.62 -12.65
N LYS B 69 -13.66 10.70 -11.42
CA LYS B 69 -13.30 11.96 -10.80
C LYS B 69 -11.83 12.28 -11.04
N LYS B 70 -11.53 13.58 -11.10
CA LYS B 70 -10.14 14.02 -11.17
C LYS B 70 -9.51 13.76 -9.81
N MET B 71 -8.63 12.76 -9.74
CA MET B 71 -8.10 12.30 -8.47
C MET B 71 -6.83 13.03 -8.05
N ARG B 72 -6.06 13.54 -9.01
CA ARG B 72 -4.78 14.18 -8.69
C ARG B 72 -4.66 15.46 -9.50
N PRO B 73 -5.56 16.42 -9.26
CA PRO B 73 -5.59 17.64 -10.08
C PRO B 73 -4.34 18.49 -9.97
N ASP B 74 -3.48 18.25 -8.99
CA ASP B 74 -2.20 18.91 -8.94
C ASP B 74 -1.26 18.52 -10.08
N LEU B 75 -1.66 17.57 -10.93
CA LEU B 75 -0.73 16.95 -11.88
C LEU B 75 -1.07 17.36 -13.30
N THR B 76 -0.05 17.61 -14.08
CA THR B 76 -0.22 17.66 -15.53
C THR B 76 -0.23 16.25 -16.08
N GLY B 77 -0.81 16.10 -17.27
CA GLY B 77 -0.78 14.82 -17.95
C GLY B 77 0.51 14.68 -18.72
N MET B 78 1.21 13.57 -18.51
CA MET B 78 2.38 13.25 -19.31
C MET B 78 2.04 12.14 -20.28
N VAL B 79 2.96 11.93 -21.21
CA VAL B 79 2.71 11.03 -22.33
C VAL B 79 2.89 9.60 -21.84
N LEU B 80 1.96 8.73 -22.21
CA LEU B 80 2.06 7.31 -21.97
C LEU B 80 2.30 6.64 -23.32
N GLU B 81 3.47 6.03 -23.49
CA GLU B 81 3.83 5.35 -24.71
C GLU B 81 4.01 3.85 -24.47
N GLU B 82 3.86 3.07 -25.54
CA GLU B 82 4.12 1.64 -25.51
C GLU B 82 5.63 1.46 -25.66
N GLY B 83 6.33 1.36 -24.53
CA GLY B 83 7.76 1.17 -24.54
C GLY B 83 8.49 2.41 -25.01
N CYS B 84 9.81 2.27 -25.11
CA CYS B 84 10.62 3.33 -25.72
C CYS B 84 11.63 2.68 -26.66
N PRO B 85 12.37 3.46 -27.44
CA PRO B 85 13.29 2.86 -28.41
C PRO B 85 14.56 2.35 -27.75
N GLU B 86 15.19 1.40 -28.44
CA GLU B 86 16.38 0.76 -27.91
C GLU B 86 17.51 1.77 -27.78
N GLY B 87 18.28 1.66 -26.70
CA GLY B 87 19.37 2.55 -26.44
C GLY B 87 18.98 3.76 -25.63
N THR B 88 17.69 4.05 -25.51
CA THR B 88 17.23 5.08 -24.60
C THR B 88 17.68 4.74 -23.19
N VAL B 89 18.20 5.72 -22.46
CA VAL B 89 18.52 5.55 -21.05
C VAL B 89 17.35 6.14 -20.26
N CYS B 90 16.48 5.25 -19.77
CA CYS B 90 15.34 5.62 -18.96
C CYS B 90 15.74 5.73 -17.49
N SER B 91 14.80 6.19 -16.68
CA SER B 91 14.89 6.11 -15.23
C SER B 91 13.77 5.23 -14.71
N VAL B 92 14.11 4.33 -13.81
CA VAL B 92 13.13 3.60 -13.02
C VAL B 92 13.03 4.26 -11.66
N LEU B 93 11.86 4.82 -11.37
CA LEU B 93 11.60 5.55 -10.14
C LEU B 93 11.19 4.57 -9.06
N ILE B 94 12.20 3.86 -8.54
CA ILE B 94 11.99 2.92 -7.45
C ILE B 94 11.70 3.66 -6.16
N LYS B 95 10.70 3.19 -5.41
CA LYS B 95 10.53 3.63 -4.04
C LYS B 95 10.52 2.42 -3.12
N ARG B 96 11.06 2.61 -1.92
CA ARG B 96 11.16 1.54 -0.95
C ARG B 96 10.26 1.83 0.25
N ASP B 97 9.85 0.76 0.93
CA ASP B 97 8.97 0.91 2.09
C ASP B 97 9.63 1.72 3.20
N SER B 98 10.96 1.90 3.13
CA SER B 98 11.71 2.77 4.04
C SER B 98 11.47 4.25 3.78
N GLY B 99 10.98 4.61 2.61
CA GLY B 99 10.87 6.00 2.19
C GLY B 99 11.89 6.44 1.14
N GLU B 100 12.93 5.66 0.90
CA GLU B 100 13.95 6.09 -0.05
C GLU B 100 13.37 6.19 -1.45
N LEU B 101 13.68 7.29 -2.13
CA LEU B 101 13.51 7.43 -3.56
C LEU B 101 14.81 7.01 -4.24
N LEU B 102 14.78 5.94 -5.03
CA LEU B 102 15.98 5.39 -5.66
C LEU B 102 15.86 5.40 -7.18
N PRO B 103 16.25 6.48 -7.84
CA PRO B 103 16.20 6.52 -9.31
C PRO B 103 17.41 5.83 -9.93
N LEU B 104 17.15 4.93 -10.87
CA LEU B 104 18.20 4.12 -11.49
C LEU B 104 18.12 4.18 -13.00
N ALA B 105 19.24 4.54 -13.65
CA ALA B 105 19.30 4.53 -15.10
C ALA B 105 19.24 3.12 -15.64
N VAL B 106 18.61 2.97 -16.82
CA VAL B 106 18.39 1.69 -17.46
C VAL B 106 18.54 1.90 -18.95
N ARG B 107 19.47 1.19 -19.57
CA ARG B 107 19.65 1.23 -21.01
C ARG B 107 18.69 0.21 -21.62
N MET B 108 17.66 0.70 -22.28
CA MET B 108 16.54 -0.14 -22.71
C MET B 108 16.87 -0.99 -23.93
N GLY B 109 16.39 -2.24 -23.90
CA GLY B 109 16.57 -3.17 -24.99
C GLY B 109 15.32 -3.41 -25.80
N ALA B 110 15.06 -4.68 -26.12
CA ALA B 110 14.01 -4.99 -27.08
C ALA B 110 12.68 -5.27 -26.41
N ILE B 111 11.60 -4.84 -27.08
CA ILE B 111 10.23 -5.14 -26.68
C ILE B 111 9.85 -6.52 -27.17
N ALA B 112 9.34 -7.37 -26.27
CA ALA B 112 9.09 -8.76 -26.60
C ALA B 112 7.86 -9.27 -25.87
N SER B 113 7.25 -10.30 -26.43
CA SER B 113 6.18 -11.05 -25.77
C SER B 113 6.81 -12.22 -25.02
N MET B 114 6.65 -12.24 -23.72
CA MET B 114 7.45 -13.09 -22.86
C MET B 114 6.55 -13.98 -22.04
N ARG B 115 7.07 -15.17 -21.72
CA ARG B 115 6.49 -16.04 -20.72
C ARG B 115 7.35 -15.97 -19.47
N ILE B 116 6.73 -15.77 -18.32
CA ILE B 116 7.46 -15.57 -17.08
C ILE B 116 6.64 -16.15 -15.96
N GLN B 117 7.21 -17.09 -15.20
CA GLN B 117 6.46 -17.88 -14.23
C GLN B 117 5.06 -18.17 -14.76
N GLY B 118 5.01 -18.65 -15.99
CA GLY B 118 3.75 -19.05 -16.62
C GLY B 118 3.02 -17.92 -17.31
N ARG B 119 2.94 -16.76 -16.66
CA ARG B 119 2.11 -15.67 -17.15
C ARG B 119 2.69 -15.13 -18.47
N LEU B 120 1.82 -14.52 -19.26
CA LEU B 120 2.20 -13.89 -20.51
C LEU B 120 2.42 -12.41 -20.26
N VAL B 121 3.61 -11.92 -20.61
CA VAL B 121 4.04 -10.56 -20.31
C VAL B 121 4.37 -9.85 -21.61
N HIS B 122 3.75 -8.72 -21.84
CA HIS B 122 4.15 -7.83 -22.93
C HIS B 122 5.08 -6.79 -22.32
N GLY B 123 6.36 -6.84 -22.68
CA GLY B 123 7.35 -6.06 -21.96
C GLY B 123 8.58 -5.71 -22.77
N GLN B 124 9.37 -4.82 -22.18
CA GLN B 124 10.65 -4.40 -22.72
C GLN B 124 11.73 -4.74 -21.71
N SER B 125 12.86 -5.22 -22.20
CA SER B 125 13.99 -5.47 -21.31
C SER B 125 14.97 -4.31 -21.37
N GLY B 126 15.85 -4.26 -20.37
CA GLY B 126 16.91 -3.27 -20.28
C GLY B 126 17.90 -3.71 -19.24
N MET B 127 19.00 -2.97 -19.15
CA MET B 127 20.05 -3.27 -18.20
C MET B 127 20.34 -2.05 -17.33
N LEU B 128 20.49 -2.30 -16.02
CA LEU B 128 20.88 -1.25 -15.09
C LEU B 128 22.34 -0.88 -15.33
N LEU B 129 22.65 0.41 -15.17
CA LEU B 129 24.04 0.84 -15.24
C LEU B 129 24.82 0.50 -13.99
N THR B 130 24.16 0.05 -12.93
CA THR B 130 24.83 -0.44 -11.74
C THR B 130 25.32 -1.88 -11.95
N GLY B 131 26.15 -2.36 -11.02
CA GLY B 131 26.66 -3.72 -11.06
C GLY B 131 26.12 -4.64 -9.97
N MET B 137 24.24 -3.87 -1.72
CA MET B 137 23.72 -2.55 -1.36
C MET B 137 22.28 -2.29 -1.82
N ASP B 138 21.75 -3.15 -2.67
CA ASP B 138 20.38 -3.00 -3.20
C ASP B 138 20.24 -1.75 -4.08
N LEU B 139 21.27 -1.46 -4.88
CA LEU B 139 21.16 -0.51 -5.99
C LEU B 139 20.63 -1.16 -7.26
N GLY B 140 19.77 -2.16 -7.14
CA GLY B 140 19.02 -2.66 -8.25
C GLY B 140 17.58 -2.90 -7.82
N THR B 141 16.80 -3.56 -8.66
CA THR B 141 15.42 -3.85 -8.34
C THR B 141 15.36 -5.13 -7.53
N ILE B 142 14.48 -5.13 -6.51
CA ILE B 142 14.32 -6.24 -5.58
C ILE B 142 12.84 -6.54 -5.45
N PRO B 143 12.46 -7.59 -4.72
CA PRO B 143 11.03 -7.82 -4.45
C PRO B 143 10.40 -6.62 -3.77
N GLY B 144 9.15 -6.37 -4.11
CA GLY B 144 8.45 -5.20 -3.64
C GLY B 144 8.55 -3.99 -4.53
N ASP B 145 9.47 -4.00 -5.50
CA ASP B 145 9.69 -2.83 -6.37
C ASP B 145 8.70 -2.76 -7.54
N CYS B 146 7.85 -3.77 -7.72
CA CYS B 146 7.08 -3.87 -8.95
C CYS B 146 5.97 -2.82 -9.00
N GLY B 147 5.71 -2.34 -10.21
CA GLY B 147 4.88 -1.18 -10.43
C GLY B 147 5.65 0.12 -10.63
N ALA B 148 6.94 0.14 -10.36
CA ALA B 148 7.71 1.37 -10.52
C ALA B 148 7.72 1.82 -11.97
N PRO B 149 7.61 3.13 -12.24
CA PRO B 149 7.53 3.60 -13.62
C PRO B 149 8.90 3.75 -14.28
N TYR B 150 8.95 3.40 -15.56
CA TYR B 150 10.08 3.75 -16.42
C TYR B 150 9.73 5.05 -17.09
N VAL B 151 10.64 6.04 -16.96
CA VAL B 151 10.41 7.38 -17.49
C VAL B 151 11.66 7.84 -18.24
N HIS B 152 11.44 8.64 -19.29
CA HIS B 152 12.52 9.38 -19.94
C HIS B 152 11.99 10.71 -20.43
N LYS B 153 12.91 11.65 -20.66
CA LYS B 153 12.56 12.98 -21.10
C LYS B 153 12.89 13.10 -22.59
N ARG B 154 11.85 13.28 -23.40
CA ARG B 154 11.99 13.50 -24.84
C ARG B 154 11.58 14.93 -25.16
N GLY B 155 12.55 15.76 -25.52
CA GLY B 155 12.23 17.15 -25.80
C GLY B 155 11.89 17.88 -24.52
N ASN B 156 10.81 18.66 -24.57
CA ASN B 156 10.35 19.41 -23.41
C ASN B 156 9.24 18.69 -22.66
N ASP B 157 9.14 17.37 -22.80
CA ASP B 157 8.10 16.59 -22.15
C ASP B 157 8.68 15.34 -21.52
N TRP B 158 8.07 14.92 -20.43
CA TRP B 158 8.40 13.65 -19.80
C TRP B 158 7.48 12.55 -20.29
N VAL B 159 8.06 11.38 -20.49
CA VAL B 159 7.38 10.22 -21.02
C VAL B 159 7.48 9.12 -19.99
N VAL B 160 6.36 8.44 -19.74
CA VAL B 160 6.37 7.15 -19.04
C VAL B 160 6.06 6.07 -20.08
N CYS B 161 6.77 4.95 -19.98
CA CYS B 161 6.72 3.97 -21.05
C CYS B 161 6.67 2.54 -20.55
N GLY B 162 6.71 2.31 -19.24
CA GLY B 162 6.45 0.99 -18.72
C GLY B 162 6.48 1.02 -17.20
N VAL B 163 6.08 -0.10 -16.62
CA VAL B 163 6.07 -0.32 -15.18
C VAL B 163 6.82 -1.61 -14.85
N HIS B 164 7.55 -1.60 -13.75
CA HIS B 164 8.48 -2.66 -13.45
C HIS B 164 7.78 -3.98 -13.13
N ALA B 165 8.31 -5.05 -13.65
CA ALA B 165 7.71 -6.37 -13.53
C ALA B 165 8.69 -7.48 -13.13
N ALA B 166 9.92 -7.46 -13.63
CA ALA B 166 10.83 -8.59 -13.40
C ALA B 166 12.27 -8.14 -13.51
N ALA B 167 13.17 -9.01 -13.05
CA ALA B 167 14.62 -8.86 -13.21
C ALA B 167 15.25 -10.24 -13.15
N THR B 168 16.47 -10.34 -13.70
CA THR B 168 17.23 -11.59 -13.73
C THR B 168 17.95 -11.82 -12.41
N LYS B 169 18.49 -13.04 -12.24
CA LYS B 169 19.07 -13.43 -10.96
C LYS B 169 20.29 -12.60 -10.59
N SER B 170 21.04 -12.10 -11.58
CA SER B 170 22.10 -11.15 -11.29
C SER B 170 21.58 -9.75 -11.01
N GLY B 171 20.30 -9.48 -11.31
CA GLY B 171 19.76 -8.15 -11.19
C GLY B 171 20.12 -7.19 -12.30
N ASN B 172 21.07 -7.56 -13.17
CA ASN B 172 21.56 -6.63 -14.20
C ASN B 172 20.50 -6.34 -15.27
N THR B 173 19.71 -7.34 -15.64
CA THR B 173 18.67 -7.18 -16.64
C THR B 173 17.32 -7.05 -15.94
N VAL B 174 16.52 -6.09 -16.41
CA VAL B 174 15.21 -5.81 -15.86
C VAL B 174 14.19 -5.81 -17.00
N VAL B 175 12.92 -5.98 -16.62
CA VAL B 175 11.83 -6.05 -17.59
C VAL B 175 10.70 -5.19 -17.08
N CYS B 176 10.16 -4.34 -17.95
CA CYS B 176 8.99 -3.54 -17.63
C CYS B 176 7.84 -3.94 -18.53
N ALA B 177 6.64 -3.97 -17.96
CA ALA B 177 5.44 -4.21 -18.74
C ALA B 177 5.08 -2.97 -19.52
N VAL B 178 4.65 -3.15 -20.76
CA VAL B 178 4.31 -2.05 -21.64
C VAL B 178 2.91 -2.27 -22.17
N GLN B 179 2.27 -1.17 -22.57
CA GLN B 179 1.00 -1.24 -23.31
C GLN B 179 1.14 -2.11 -24.55
#